data_8JFN
#
_entry.id   8JFN
#
_cell.length_a   77.272
_cell.length_b   101.816
_cell.length_c   126.329
_cell.angle_alpha   90.00
_cell.angle_beta   90.00
_cell.angle_gamma   90.00
#
_symmetry.space_group_name_H-M   'I 2 2 2'
#
loop_
_entity.id
_entity.type
_entity.pdbx_description
1 polymer 'Enoyl-[acyl-carrier-protein] reductase [NADH]'
2 polymer 'Acyl carrier protein'
3 non-polymer NICOTINAMIDE-ADENINE-DINUCLEOTIDE
4 non-polymer 'THIOBUTYRIC ACID S-{2-[3-(2-HYDROXY-3,3-DIMETHYL-4-PHOSPHONOOXY-BUTYRYLAMINO)-PROPIONYLAMINO]-ETHYL} ESTER'
5 water water
#
loop_
_entity_poly.entity_id
_entity_poly.type
_entity_poly.pdbx_seq_one_letter_code
_entity_poly.pdbx_strand_id
1 'polypeptide(L)'
;MGFLKGKKGLIVGVANNKSIAYGIAQSCFNQGATLAFTYLNESLEKRVRPIAQELNSPYVYELDVSKEEHFKPLYDSVKK
DLGSLDFIVHSVAFAPKEALEGSLLETSKSAFNTAMEISVYSLIELTNTLKPLLNNGASVLTLSYLGSTKYMAHYNVMGL
AKAALESAVRYLAVDLGKHNIRVNALSAGPIRTLASSGIADFRMILKWNEINAPLRKNVSLEEVGNAGMYLLSSLSSGVS
GEVHFVDAGYHVMGMGAVEEKDNKATLLWDLHK
;
A
2 'polypeptide(L)' SSMALFEDIQAVIAEQLNVDAAQVTPEAEFVKDLGADSLDVVELIMALEEKFGIEIPDEQAEKIVNVGDVVKYIEDNKLA B
#
loop_
_chem_comp.id
_chem_comp.type
_chem_comp.name
_chem_comp.formula
NAD non-polymer NICOTINAMIDE-ADENINE-DINUCLEOTIDE 'C21 H27 N7 O14 P2'
PSR non-polymer 'THIOBUTYRIC ACID S-{2-[3-(2-HYDROXY-3,3-DIMETHYL-4-PHOSPHONOOXY-BUTYRYLAMINO)-PROPIONYLAMINO]-ETHYL} ESTER' 'C15 H29 N2 O8 P S'
#
# COMPACT_ATOMS: atom_id res chain seq x y z
N GLY A 2 25.95 -6.66 2.38
CA GLY A 2 24.56 -6.32 2.08
C GLY A 2 23.85 -7.51 1.46
N PHE A 3 22.70 -7.89 2.02
CA PHE A 3 22.14 -9.19 1.64
C PHE A 3 21.50 -9.24 0.26
N LEU A 4 21.42 -8.13 -0.47
CA LEU A 4 20.97 -8.18 -1.86
C LEU A 4 21.96 -7.51 -2.79
N LYS A 5 23.24 -7.41 -2.40
CA LYS A 5 24.25 -6.80 -3.25
C LYS A 5 24.33 -7.53 -4.58
N GLY A 6 24.19 -6.78 -5.67
CA GLY A 6 24.26 -7.35 -6.98
C GLY A 6 23.02 -8.04 -7.45
N LYS A 7 21.93 -7.99 -6.68
CA LYS A 7 20.69 -8.68 -7.02
C LYS A 7 19.70 -7.69 -7.61
N LYS A 8 19.07 -8.09 -8.69
CA LYS A 8 18.19 -7.23 -9.47
C LYS A 8 16.73 -7.52 -9.13
N GLY A 9 15.95 -6.46 -8.88
CA GLY A 9 14.56 -6.66 -8.51
C GLY A 9 13.60 -5.64 -9.09
N LEU A 10 12.40 -6.08 -9.46
CA LEU A 10 11.39 -5.21 -10.03
C LEU A 10 10.31 -4.91 -8.99
N ILE A 11 10.14 -3.65 -8.64
CA ILE A 11 9.18 -3.20 -7.63
C ILE A 11 7.91 -2.72 -8.34
N VAL A 12 6.79 -3.40 -8.13
CA VAL A 12 5.53 -3.03 -8.76
C VAL A 12 4.58 -2.54 -7.68
N GLY A 13 4.12 -1.29 -7.80
CA GLY A 13 3.13 -0.75 -6.89
C GLY A 13 3.51 0.49 -6.10
N VAL A 14 4.66 1.13 -6.32
CA VAL A 14 4.94 2.38 -5.60
C VAL A 14 3.94 3.44 -6.02
N ALA A 15 3.32 4.10 -5.04
CA ALA A 15 2.47 5.25 -5.28
C ALA A 15 3.05 6.53 -4.71
N ASN A 16 3.55 6.48 -3.48
CA ASN A 16 4.31 7.57 -2.89
C ASN A 16 5.23 6.97 -1.84
N ASN A 17 5.83 7.80 -0.99
CA ASN A 17 6.73 7.25 0.01
C ASN A 17 5.99 6.69 1.23
N LYS A 18 4.67 6.53 1.14
CA LYS A 18 3.95 5.78 2.17
C LYS A 18 3.52 4.40 1.67
N SER A 19 3.62 4.13 0.37
CA SER A 19 3.34 2.81 -0.21
C SER A 19 4.15 1.71 0.46
N ILE A 20 3.47 0.60 0.79
CA ILE A 20 4.18 -0.61 1.22
C ILE A 20 5.32 -0.93 0.26
N ALA A 21 5.06 -0.83 -1.06
CA ALA A 21 6.10 -1.14 -2.04
C ALA A 21 7.36 -0.30 -1.80
N TYR A 22 7.20 0.94 -1.35
CA TYR A 22 8.34 1.84 -1.11
C TYR A 22 9.17 1.37 0.08
N GLY A 23 8.51 1.13 1.23
CA GLY A 23 9.18 0.50 2.37
C GLY A 23 10.00 -0.71 1.97
N ILE A 24 9.40 -1.64 1.22
CA ILE A 24 10.15 -2.80 0.75
C ILE A 24 11.31 -2.38 -0.13
N ALA A 25 11.02 -1.57 -1.16
CA ALA A 25 12.09 -1.11 -2.04
C ALA A 25 13.21 -0.44 -1.24
N GLN A 26 12.86 0.35 -0.23
CA GLN A 26 13.87 1.06 0.54
C GLN A 26 14.71 0.11 1.37
N SER A 27 14.07 -0.87 2.00
CA SER A 27 14.82 -1.86 2.76
C SER A 27 15.76 -2.65 1.85
N CYS A 28 15.30 -3.01 0.65
CA CYS A 28 16.16 -3.73 -0.29
C CYS A 28 17.31 -2.86 -0.75
N PHE A 29 17.05 -1.57 -0.95
CA PHE A 29 18.13 -0.64 -1.29
C PHE A 29 19.22 -0.65 -0.24
N ASN A 30 18.86 -0.43 1.03
CA ASN A 30 19.82 -0.51 2.13
C ASN A 30 20.55 -1.84 2.21
N GLN A 31 20.10 -2.86 1.48
CA GLN A 31 20.81 -4.14 1.41
C GLN A 31 21.52 -4.32 0.08
N GLY A 32 21.57 -3.28 -0.73
CA GLY A 32 22.43 -3.29 -1.89
C GLY A 32 21.79 -3.77 -3.17
N ALA A 33 20.49 -3.60 -3.31
CA ALA A 33 19.79 -4.14 -4.46
C ALA A 33 19.78 -3.13 -5.59
N THR A 34 19.90 -3.65 -6.80
CA THR A 34 19.66 -2.88 -8.01
C THR A 34 18.16 -2.97 -8.32
N LEU A 35 17.47 -1.86 -8.19
CA LEU A 35 16.02 -1.84 -8.30
C LEU A 35 15.58 -1.33 -9.66
N ALA A 36 14.39 -1.76 -10.06
CA ALA A 36 13.65 -1.16 -11.17
C ALA A 36 12.21 -1.06 -10.72
N PHE A 37 11.48 -0.09 -11.28
CA PHE A 37 10.16 0.27 -10.80
C PHE A 37 9.19 0.38 -11.96
N THR A 38 7.90 0.21 -11.66
CA THR A 38 6.84 0.43 -12.63
C THR A 38 5.84 1.43 -12.07
N TYR A 39 5.01 1.97 -12.98
CA TYR A 39 4.01 2.97 -12.62
C TYR A 39 2.73 2.68 -13.41
N LEU A 40 1.60 3.00 -12.78
CA LEU A 40 0.30 2.75 -13.40
C LEU A 40 0.10 3.56 -14.67
N ASN A 41 0.28 4.87 -14.59
CA ASN A 41 0.03 5.76 -15.71
C ASN A 41 0.93 6.99 -15.56
N GLU A 42 0.66 8.04 -16.33
CA GLU A 42 1.48 9.23 -16.24
C GLU A 42 1.28 9.95 -14.91
N SER A 43 0.05 9.93 -14.38
CA SER A 43 -0.19 10.54 -13.07
C SER A 43 0.72 9.91 -12.03
N LEU A 44 0.98 8.61 -12.13
CA LEU A 44 1.83 7.91 -11.19
C LEU A 44 3.30 7.94 -11.57
N GLU A 45 3.63 8.01 -12.86
CA GLU A 45 5.03 8.20 -13.27
C GLU A 45 5.64 9.42 -12.57
N LYS A 46 4.86 10.50 -12.43
CA LYS A 46 5.34 11.69 -11.72
C LYS A 46 5.90 11.36 -10.32
N ARG A 47 5.35 10.33 -9.67
CA ARG A 47 5.71 10.02 -8.29
C ARG A 47 6.71 8.88 -8.20
N VAL A 48 6.59 7.89 -9.09
CA VAL A 48 7.54 6.80 -9.10
C VAL A 48 8.92 7.31 -9.49
N ARG A 49 9.01 7.98 -10.64
CA ARG A 49 10.33 8.27 -11.22
C ARG A 49 11.23 9.09 -10.29
N PRO A 50 10.74 10.08 -9.54
CA PRO A 50 11.60 10.70 -8.51
C PRO A 50 12.02 9.77 -7.39
N ILE A 51 11.10 8.95 -6.86
CA ILE A 51 11.45 8.02 -5.79
C ILE A 51 12.49 7.01 -6.29
N ALA A 52 12.33 6.56 -7.53
CA ALA A 52 13.29 5.63 -8.13
C ALA A 52 14.69 6.24 -8.16
N GLN A 53 14.80 7.46 -8.70
CA GLN A 53 15.97 8.33 -8.63
C GLN A 53 16.65 8.29 -7.26
N GLU A 54 15.85 8.53 -6.21
CA GLU A 54 16.34 8.51 -4.82
C GLU A 54 16.91 7.16 -4.42
N LEU A 55 16.32 6.07 -4.91
CA LEU A 55 16.85 4.75 -4.66
C LEU A 55 17.83 4.33 -5.73
N ASN A 56 18.36 5.31 -6.48
CA ASN A 56 19.48 5.13 -7.40
C ASN A 56 19.09 4.29 -8.61
N SER A 57 17.95 4.62 -9.21
CA SER A 57 17.44 3.77 -10.27
C SER A 57 16.97 4.56 -11.50
N PRO A 58 17.56 4.30 -12.68
CA PRO A 58 17.03 4.85 -13.92
C PRO A 58 15.94 4.01 -14.58
N TYR A 59 15.65 2.82 -14.07
CA TYR A 59 14.77 1.87 -14.74
C TYR A 59 13.34 2.06 -14.23
N VAL A 60 12.52 2.74 -15.01
CA VAL A 60 11.16 3.09 -14.62
C VAL A 60 10.26 2.81 -15.82
N TYR A 61 9.35 1.85 -15.68
CA TYR A 61 8.58 1.32 -16.80
C TYR A 61 7.08 1.47 -16.56
N GLU A 62 6.30 1.47 -17.63
CA GLU A 62 4.85 1.60 -17.52
C GLU A 62 4.25 0.21 -17.35
N LEU A 63 3.37 0.08 -16.35
CA LEU A 63 2.62 -1.17 -16.22
C LEU A 63 1.26 -0.87 -15.61
N ASP A 64 0.23 -0.90 -16.44
CA ASP A 64 -1.15 -1.01 -15.98
C ASP A 64 -1.53 -2.48 -16.17
N VAL A 65 -1.73 -3.21 -15.07
CA VAL A 65 -1.88 -4.65 -15.16
C VAL A 65 -3.18 -5.04 -15.84
N SER A 66 -4.11 -4.10 -16.04
CA SER A 66 -5.30 -4.39 -16.82
C SER A 66 -5.06 -4.27 -18.33
N LYS A 67 -3.91 -3.73 -18.74
CA LYS A 67 -3.55 -3.63 -20.14
C LYS A 67 -2.65 -4.81 -20.49
N GLU A 68 -3.26 -5.86 -21.04
CA GLU A 68 -2.51 -7.00 -21.54
C GLU A 68 -1.30 -6.56 -22.38
N GLU A 69 -1.47 -5.51 -23.18
CA GLU A 69 -0.43 -5.05 -24.10
C GLU A 69 0.78 -4.40 -23.41
N HIS A 70 0.73 -4.15 -22.11
CA HIS A 70 1.88 -3.56 -21.44
C HIS A 70 2.96 -4.58 -21.08
N PHE A 71 2.63 -5.87 -21.10
CA PHE A 71 3.51 -6.86 -20.48
C PHE A 71 4.68 -7.24 -21.35
N LYS A 72 4.44 -7.49 -22.65
CA LYS A 72 5.56 -7.71 -23.57
C LYS A 72 6.56 -6.55 -23.53
N PRO A 73 6.14 -5.27 -23.62
CA PRO A 73 7.12 -4.17 -23.45
C PRO A 73 7.88 -4.22 -22.14
N LEU A 74 7.20 -4.53 -21.03
CA LEU A 74 7.89 -4.63 -19.74
C LEU A 74 8.95 -5.73 -19.77
N TYR A 75 8.63 -6.86 -20.39
CA TYR A 75 9.62 -7.91 -20.56
C TYR A 75 10.84 -7.40 -21.31
N ASP A 76 10.60 -6.78 -22.47
CA ASP A 76 11.70 -6.28 -23.30
C ASP A 76 12.55 -5.27 -22.54
N SER A 77 11.90 -4.37 -21.80
CA SER A 77 12.63 -3.36 -21.05
C SER A 77 13.57 -3.99 -20.03
N VAL A 78 13.08 -4.99 -19.30
CA VAL A 78 13.90 -5.64 -18.28
C VAL A 78 15.05 -6.39 -18.94
N LYS A 79 14.80 -7.04 -20.07
CA LYS A 79 15.86 -7.77 -20.74
C LYS A 79 16.94 -6.83 -21.25
N LYS A 80 16.53 -5.71 -21.87
CA LYS A 80 17.46 -4.67 -22.32
C LYS A 80 18.32 -4.17 -21.17
N ASP A 81 17.66 -3.62 -20.15
CA ASP A 81 18.34 -2.82 -19.14
C ASP A 81 18.95 -3.66 -18.02
N LEU A 82 18.30 -4.79 -17.64
CA LEU A 82 18.78 -5.63 -16.54
C LEU A 82 19.20 -7.03 -16.97
N GLY A 83 18.58 -7.60 -17.99
CA GLY A 83 18.97 -8.92 -18.45
C GLY A 83 18.40 -10.07 -17.63
N SER A 84 18.27 -9.88 -16.33
CA SER A 84 17.74 -10.91 -15.46
C SER A 84 17.20 -10.25 -14.18
N LEU A 85 16.40 -11.02 -13.45
CA LEU A 85 15.80 -10.59 -12.20
C LEU A 85 16.05 -11.63 -11.11
N ASP A 86 16.34 -11.16 -9.90
CA ASP A 86 16.42 -12.03 -8.76
C ASP A 86 15.18 -11.96 -7.86
N PHE A 87 14.34 -10.94 -8.01
CA PHE A 87 13.12 -10.87 -7.20
C PHE A 87 12.16 -9.90 -7.86
N ILE A 88 10.89 -10.03 -7.48
CA ILE A 88 9.78 -9.25 -8.00
C ILE A 88 8.88 -8.94 -6.81
N VAL A 89 8.47 -7.68 -6.67
CA VAL A 89 7.53 -7.30 -5.63
C VAL A 89 6.22 -6.90 -6.29
N HIS A 90 5.17 -7.64 -5.96
CA HIS A 90 3.84 -7.40 -6.50
C HIS A 90 3.03 -6.79 -5.37
N SER A 91 2.93 -5.47 -5.38
CA SER A 91 2.35 -4.69 -4.30
C SER A 91 1.22 -3.84 -4.86
N VAL A 92 0.11 -4.48 -5.21
CA VAL A 92 -0.91 -3.89 -6.09
C VAL A 92 -2.25 -4.51 -5.75
N ALA A 93 -3.26 -3.65 -5.60
CA ALA A 93 -4.63 -4.13 -5.41
C ALA A 93 -5.55 -2.97 -5.69
N PHE A 94 -6.78 -3.29 -6.06
CA PHE A 94 -7.75 -2.24 -6.29
C PHE A 94 -9.16 -2.82 -6.22
N ALA A 95 -10.08 -2.02 -5.69
CA ALA A 95 -11.50 -2.29 -5.76
C ALA A 95 -12.24 -0.96 -5.73
N PRO A 96 -13.37 -0.84 -6.44
CA PRO A 96 -14.17 0.38 -6.37
C PRO A 96 -14.67 0.67 -4.95
N LYS A 97 -14.69 1.96 -4.60
CA LYS A 97 -15.09 2.43 -3.28
C LYS A 97 -16.31 1.71 -2.74
N GLU A 98 -17.35 1.58 -3.57
CA GLU A 98 -18.64 1.02 -3.16
C GLU A 98 -18.50 -0.40 -2.63
N ALA A 99 -17.48 -1.14 -3.08
CA ALA A 99 -17.34 -2.51 -2.65
C ALA A 99 -16.63 -2.61 -1.32
N LEU A 100 -15.78 -1.64 -0.98
CA LEU A 100 -15.09 -1.65 0.31
C LEU A 100 -15.92 -1.03 1.42
N GLU A 101 -17.25 -1.08 1.29
CA GLU A 101 -18.13 -0.60 2.34
C GLU A 101 -19.43 -1.38 2.31
N GLY A 102 -20.17 -1.28 3.40
CA GLY A 102 -21.42 -2.00 3.44
C GLY A 102 -21.18 -3.49 3.43
N SER A 103 -22.02 -4.22 2.70
CA SER A 103 -21.98 -5.67 2.75
C SER A 103 -21.30 -6.26 1.51
N LEU A 104 -20.94 -7.54 1.63
CA LEU A 104 -20.55 -8.32 0.47
C LEU A 104 -21.73 -8.57 -0.44
N LEU A 105 -22.95 -8.77 0.13
CA LEU A 105 -24.13 -9.08 -0.68
C LEU A 105 -24.42 -8.04 -1.76
N GLU A 106 -24.05 -6.79 -1.51
CA GLU A 106 -24.31 -5.67 -2.41
C GLU A 106 -23.38 -5.62 -3.61
N THR A 107 -22.36 -6.47 -3.65
CA THR A 107 -21.27 -6.24 -4.58
C THR A 107 -21.71 -6.50 -6.01
N SER A 108 -21.28 -5.63 -6.90
CA SER A 108 -21.63 -5.81 -8.30
C SER A 108 -20.69 -6.83 -8.94
N LYS A 109 -21.19 -7.52 -9.97
CA LYS A 109 -20.30 -8.41 -10.71
C LYS A 109 -19.10 -7.65 -11.27
N SER A 110 -19.29 -6.40 -11.70
CA SER A 110 -18.16 -5.70 -12.30
C SER A 110 -17.15 -5.28 -11.24
N ALA A 111 -17.62 -4.92 -10.04
CA ALA A 111 -16.69 -4.64 -8.96
C ALA A 111 -15.93 -5.89 -8.58
N PHE A 112 -16.63 -7.02 -8.50
CA PHE A 112 -15.99 -8.30 -8.25
C PHE A 112 -14.87 -8.53 -9.27
N ASN A 113 -15.21 -8.46 -10.56
CA ASN A 113 -14.22 -8.79 -11.59
C ASN A 113 -13.02 -7.85 -11.52
N THR A 114 -13.25 -6.56 -11.23
CA THR A 114 -12.15 -5.61 -11.09
C THR A 114 -11.26 -5.97 -9.90
N ALA A 115 -11.85 -6.26 -8.74
CA ALA A 115 -11.05 -6.63 -7.58
C ALA A 115 -10.22 -7.87 -7.88
N MET A 116 -10.82 -8.89 -8.50
CA MET A 116 -10.09 -10.13 -8.79
C MET A 116 -9.01 -9.93 -9.86
N GLU A 117 -9.35 -9.29 -10.98
CA GLU A 117 -8.34 -9.11 -12.02
C GLU A 117 -7.16 -8.31 -11.51
N ILE A 118 -7.43 -7.11 -10.99
CA ILE A 118 -6.35 -6.23 -10.56
C ILE A 118 -5.57 -6.82 -9.40
N SER A 119 -6.28 -7.43 -8.43
CA SER A 119 -5.59 -7.78 -7.19
C SER A 119 -5.01 -9.18 -7.17
N VAL A 120 -5.55 -10.11 -7.97
CA VAL A 120 -5.07 -11.49 -7.96
C VAL A 120 -4.47 -11.90 -9.30
N TYR A 121 -5.27 -11.87 -10.38
CA TYR A 121 -4.77 -12.34 -11.67
C TYR A 121 -3.50 -11.63 -12.12
N SER A 122 -3.25 -10.42 -11.65
CA SER A 122 -2.08 -9.71 -12.15
C SER A 122 -0.80 -10.37 -11.65
N LEU A 123 -0.87 -11.09 -10.52
CA LEU A 123 0.31 -11.85 -10.10
C LEU A 123 0.61 -12.98 -11.08
N ILE A 124 -0.43 -13.61 -11.62
CA ILE A 124 -0.19 -14.66 -12.58
C ILE A 124 0.45 -14.09 -13.84
N GLU A 125 -0.19 -13.08 -14.44
CA GLU A 125 0.29 -12.51 -15.69
C GLU A 125 1.68 -11.88 -15.54
N LEU A 126 1.94 -11.26 -14.39
CA LEU A 126 3.26 -10.66 -14.19
C LEU A 126 4.33 -11.75 -14.01
N THR A 127 4.04 -12.78 -13.24
CA THR A 127 5.03 -13.82 -13.05
C THR A 127 5.20 -14.66 -14.30
N ASN A 128 4.11 -14.94 -15.00
CA ASN A 128 4.24 -15.70 -16.25
C ASN A 128 5.05 -14.90 -17.26
N THR A 129 4.73 -13.61 -17.43
CA THR A 129 5.47 -12.76 -18.37
C THR A 129 6.97 -12.79 -18.08
N LEU A 130 7.35 -12.55 -16.83
CA LEU A 130 8.76 -12.39 -16.48
C LEU A 130 9.44 -13.70 -16.14
N LYS A 131 8.74 -14.83 -16.13
CA LYS A 131 9.37 -16.10 -15.77
C LYS A 131 10.64 -16.42 -16.57
N PRO A 132 10.72 -16.20 -17.89
CA PRO A 132 11.98 -16.53 -18.60
C PRO A 132 13.20 -15.76 -18.12
N LEU A 133 13.04 -14.63 -17.45
CA LEU A 133 14.16 -13.80 -17.04
C LEU A 133 14.59 -14.02 -15.60
N LEU A 134 14.01 -14.98 -14.89
CA LEU A 134 14.31 -15.13 -13.47
C LEU A 134 15.57 -15.96 -13.27
N ASN A 135 16.43 -15.50 -12.36
CA ASN A 135 17.64 -16.26 -12.07
C ASN A 135 17.36 -17.39 -11.08
N ASN A 136 18.31 -18.31 -11.03
CA ASN A 136 18.32 -19.29 -9.96
C ASN A 136 18.09 -18.62 -8.62
N GLY A 137 17.23 -19.22 -7.80
CA GLY A 137 16.97 -18.70 -6.47
C GLY A 137 16.08 -17.47 -6.39
N ALA A 138 15.49 -17.04 -7.51
CA ALA A 138 14.62 -15.87 -7.54
C ALA A 138 13.49 -15.97 -6.51
N SER A 139 12.93 -14.81 -6.10
CA SER A 139 11.98 -14.74 -4.99
C SER A 139 10.86 -13.76 -5.35
N VAL A 140 9.62 -14.24 -5.36
CA VAL A 140 8.47 -13.46 -5.79
C VAL A 140 7.60 -13.18 -4.57
N LEU A 141 7.28 -11.91 -4.32
CA LEU A 141 6.61 -11.49 -3.11
C LEU A 141 5.34 -10.74 -3.48
N THR A 142 4.24 -11.10 -2.83
CA THR A 142 3.00 -10.35 -2.91
C THR A 142 2.56 -9.97 -1.50
N LEU A 143 1.51 -9.17 -1.42
CA LEU A 143 1.08 -8.50 -0.19
C LEU A 143 -0.35 -8.89 0.12
N SER A 144 -0.59 -9.40 1.32
CA SER A 144 -1.95 -9.82 1.65
C SER A 144 -2.40 -9.19 2.96
N TYR A 145 -3.58 -9.59 3.45
CA TYR A 145 -4.15 -9.06 4.69
C TYR A 145 -4.99 -10.12 5.40
N LEU A 146 -4.92 -10.14 6.73
CA LEU A 146 -5.75 -11.01 7.55
C LEU A 146 -7.20 -11.10 7.09
N GLY A 147 -7.71 -10.08 6.39
CA GLY A 147 -9.09 -10.15 5.89
C GLY A 147 -9.34 -11.32 4.96
N SER A 148 -8.29 -11.99 4.49
CA SER A 148 -8.40 -13.15 3.63
C SER A 148 -9.00 -14.35 4.33
N THR A 149 -8.55 -14.64 5.56
CA THR A 149 -9.03 -15.83 6.26
C THR A 149 -9.82 -15.52 7.51
N LYS A 150 -10.01 -14.24 7.85
CA LYS A 150 -10.88 -13.87 8.95
C LYS A 150 -11.74 -12.71 8.47
N TYR A 151 -12.89 -12.54 9.10
CA TYR A 151 -13.71 -11.38 8.76
C TYR A 151 -13.08 -10.11 9.31
N MET A 152 -12.88 -9.12 8.44
CA MET A 152 -12.53 -7.76 8.83
C MET A 152 -13.57 -6.80 8.28
N ALA A 153 -13.91 -5.79 9.07
CA ALA A 153 -15.02 -4.90 8.76
C ALA A 153 -14.86 -4.27 7.37
N HIS A 154 -15.92 -4.39 6.57
CA HIS A 154 -16.05 -3.79 5.25
C HIS A 154 -14.99 -4.24 4.26
N TYR A 155 -14.17 -5.22 4.61
CA TYR A 155 -13.12 -5.62 3.68
C TYR A 155 -13.71 -6.38 2.49
N ASN A 156 -14.86 -7.05 2.69
CA ASN A 156 -15.75 -7.56 1.65
C ASN A 156 -15.02 -8.17 0.45
N VAL A 157 -15.23 -7.62 -0.75
CA VAL A 157 -14.71 -8.35 -1.90
C VAL A 157 -13.19 -8.43 -1.87
N MET A 158 -12.52 -7.54 -1.14
CA MET A 158 -11.06 -7.59 -1.10
C MET A 158 -10.57 -8.75 -0.21
N GLY A 159 -11.40 -9.17 0.75
CA GLY A 159 -11.11 -10.42 1.45
C GLY A 159 -11.17 -11.60 0.51
N LEU A 160 -12.17 -11.62 -0.38
CA LEU A 160 -12.24 -12.69 -1.36
C LEU A 160 -10.98 -12.69 -2.22
N ALA A 161 -10.55 -11.50 -2.67
CA ALA A 161 -9.37 -11.42 -3.51
C ALA A 161 -8.13 -11.92 -2.77
N LYS A 162 -7.97 -11.51 -1.51
CA LYS A 162 -6.74 -11.90 -0.80
C LYS A 162 -6.73 -13.41 -0.50
N ALA A 163 -7.90 -14.01 -0.25
CA ALA A 163 -7.95 -15.46 -0.10
C ALA A 163 -7.46 -16.15 -1.36
N ALA A 164 -7.98 -15.74 -2.52
CA ALA A 164 -7.48 -16.29 -3.76
C ALA A 164 -5.99 -16.03 -3.90
N LEU A 165 -5.56 -14.83 -3.53
CA LEU A 165 -4.17 -14.45 -3.70
C LEU A 165 -3.26 -15.37 -2.91
N GLU A 166 -3.63 -15.62 -1.65
CA GLU A 166 -2.84 -16.56 -0.84
C GLU A 166 -2.88 -17.97 -1.44
N SER A 167 -4.03 -18.38 -1.98
CA SER A 167 -4.06 -19.67 -2.68
C SER A 167 -3.17 -19.66 -3.92
N ALA A 168 -3.17 -18.54 -4.66
CA ALA A 168 -2.29 -18.46 -5.82
C ALA A 168 -0.83 -18.63 -5.40
N VAL A 169 -0.47 -18.05 -4.25
CA VAL A 169 0.91 -18.17 -3.75
C VAL A 169 1.28 -19.64 -3.57
N ARG A 170 0.35 -20.44 -3.04
CA ARG A 170 0.64 -21.85 -2.83
C ARG A 170 0.87 -22.58 -4.16
N TYR A 171 -0.05 -22.40 -5.12
CA TYR A 171 0.10 -23.06 -6.42
C TYR A 171 1.32 -22.56 -7.17
N LEU A 172 1.54 -21.24 -7.18
CA LEU A 172 2.73 -20.71 -7.84
C LEU A 172 4.00 -21.23 -7.17
N ALA A 173 3.99 -21.36 -5.85
CA ALA A 173 5.16 -21.91 -5.19
C ALA A 173 5.46 -23.32 -5.69
N VAL A 174 4.42 -24.10 -5.96
CA VAL A 174 4.62 -25.44 -6.52
C VAL A 174 5.11 -25.34 -7.96
N ASP A 175 4.39 -24.59 -8.81
CA ASP A 175 4.79 -24.39 -10.20
C ASP A 175 6.24 -23.96 -10.33
N LEU A 176 6.65 -22.98 -9.53
CA LEU A 176 7.95 -22.36 -9.73
C LEU A 176 9.04 -22.99 -8.90
N GLY A 177 8.67 -23.75 -7.86
CA GLY A 177 9.67 -24.29 -6.95
C GLY A 177 10.55 -25.31 -7.63
N LYS A 178 10.03 -26.03 -8.62
CA LYS A 178 10.87 -27.00 -9.30
C LYS A 178 11.94 -26.32 -10.14
N HIS A 179 11.77 -25.05 -10.45
CA HIS A 179 12.84 -24.25 -11.05
C HIS A 179 13.58 -23.45 -10.00
N ASN A 180 13.51 -23.88 -8.75
CA ASN A 180 14.17 -23.20 -7.64
C ASN A 180 13.83 -21.71 -7.58
N ILE A 181 12.54 -21.40 -7.74
CA ILE A 181 12.03 -20.05 -7.53
C ILE A 181 11.02 -20.06 -6.39
N ARG A 182 11.09 -19.08 -5.51
CA ARG A 182 10.21 -19.03 -4.34
C ARG A 182 9.11 -17.99 -4.55
N VAL A 183 7.95 -18.23 -3.90
CA VAL A 183 6.78 -17.34 -3.97
C VAL A 183 6.13 -17.27 -2.58
N ASN A 184 5.99 -16.05 -2.04
CA ASN A 184 5.45 -15.86 -0.70
C ASN A 184 4.50 -14.69 -0.67
N ALA A 185 3.70 -14.64 0.38
CA ALA A 185 2.90 -13.47 0.71
C ALA A 185 3.37 -12.91 2.05
N LEU A 186 3.49 -11.60 2.10
CA LEU A 186 3.63 -10.88 3.35
C LEU A 186 2.26 -10.32 3.72
N SER A 187 1.74 -10.73 4.86
CA SER A 187 0.43 -10.31 5.32
C SER A 187 0.67 -9.19 6.32
N ALA A 188 0.58 -7.95 5.86
CA ALA A 188 0.84 -6.80 6.72
C ALA A 188 -0.37 -6.53 7.59
N GLY A 189 -0.10 -5.97 8.78
CA GLY A 189 -1.15 -5.34 9.57
C GLY A 189 -1.60 -4.07 8.89
N PRO A 190 -2.75 -3.53 9.30
CA PRO A 190 -3.20 -2.26 8.71
C PRO A 190 -2.14 -1.17 8.87
N ILE A 191 -1.95 -0.41 7.81
CA ILE A 191 -0.95 0.66 7.79
C ILE A 191 -1.47 1.77 6.90
N ARG A 192 -1.34 3.00 7.38
CA ARG A 192 -1.95 4.14 6.69
C ARG A 192 -1.22 4.35 5.38
N THR A 193 -1.86 3.98 4.28
CA THR A 193 -1.32 4.21 2.96
C THR A 193 -2.38 4.90 2.13
N LEU A 194 -2.01 5.08 0.88
CA LEU A 194 -2.82 5.89 0.00
C LEU A 194 -4.04 5.08 -0.48
N ALA A 195 -3.83 3.78 -0.76
CA ALA A 195 -4.96 2.93 -1.13
C ALA A 195 -5.77 2.53 0.07
N SER A 196 -5.12 2.35 1.22
CA SER A 196 -5.86 1.98 2.41
C SER A 196 -6.88 3.04 2.84
N SER A 197 -6.79 4.26 2.30
CA SER A 197 -7.84 5.24 2.58
C SER A 197 -9.15 4.89 1.87
N GLY A 198 -9.09 4.01 0.87
CA GLY A 198 -10.28 3.53 0.19
C GLY A 198 -11.13 2.56 0.99
N ILE A 199 -10.70 2.20 2.20
CA ILE A 199 -11.42 1.26 3.04
C ILE A 199 -12.26 2.04 4.05
N ALA A 200 -13.54 1.70 4.13
CA ALA A 200 -14.45 2.42 5.01
C ALA A 200 -14.03 2.24 6.47
N ASP A 201 -13.75 3.36 7.13
CA ASP A 201 -13.38 3.37 8.55
C ASP A 201 -12.12 2.55 8.79
N PHE A 202 -11.20 2.60 7.82
CA PHE A 202 -9.85 2.12 8.05
C PHE A 202 -9.31 2.62 9.38
N ARG A 203 -9.59 3.88 9.72
CA ARG A 203 -9.00 4.48 10.92
C ARG A 203 -9.37 3.67 12.15
N MET A 204 -10.61 3.22 12.22
CA MET A 204 -11.06 2.43 13.36
C MET A 204 -10.42 1.04 13.33
N ILE A 205 -10.25 0.46 12.14
CA ILE A 205 -9.52 -0.81 12.04
C ILE A 205 -8.09 -0.62 12.50
N LEU A 206 -7.47 0.50 12.12
CA LEU A 206 -6.12 0.77 12.57
C LEU A 206 -6.06 0.90 14.09
N LYS A 207 -7.05 1.57 14.70
CA LYS A 207 -7.06 1.72 16.16
C LYS A 207 -7.28 0.39 16.85
N TRP A 208 -8.28 -0.35 16.40
CA TRP A 208 -8.56 -1.65 16.99
C TRP A 208 -7.29 -2.51 17.00
N ASN A 209 -6.56 -2.50 15.89
CA ASN A 209 -5.28 -3.22 15.82
C ASN A 209 -4.28 -2.71 16.84
N GLU A 210 -4.10 -1.38 16.91
CA GLU A 210 -3.11 -0.83 17.84
C GLU A 210 -3.42 -1.21 19.28
N ILE A 211 -4.69 -1.08 19.66
CA ILE A 211 -5.05 -1.37 21.05
C ILE A 211 -4.88 -2.87 21.35
N ASN A 212 -5.29 -3.72 20.42
CA ASN A 212 -5.45 -5.14 20.70
C ASN A 212 -4.31 -6.02 20.21
N ALA A 213 -3.38 -5.50 19.43
CA ALA A 213 -2.25 -6.33 19.02
C ALA A 213 -1.39 -6.66 20.25
N PRO A 214 -0.82 -7.87 20.32
CA PRO A 214 0.13 -8.18 21.39
C PRO A 214 1.13 -7.07 21.71
N LEU A 215 1.73 -6.45 20.70
CA LEU A 215 2.74 -5.43 20.91
C LEU A 215 2.15 -4.03 21.08
N ARG A 216 0.84 -3.90 21.16
CA ARG A 216 0.18 -2.62 21.43
C ARG A 216 0.73 -1.48 20.58
N LYS A 217 1.06 -1.79 19.33
CA LYS A 217 1.48 -0.80 18.35
C LYS A 217 0.98 -1.23 16.97
N ASN A 218 0.75 -0.24 16.11
CA ASN A 218 0.63 -0.50 14.69
C ASN A 218 2.00 -0.79 14.12
N VAL A 219 2.05 -1.51 12.99
CA VAL A 219 3.34 -1.77 12.35
C VAL A 219 3.84 -0.53 11.61
N SER A 220 5.15 -0.37 11.56
CA SER A 220 5.75 0.74 10.82
C SER A 220 6.06 0.32 9.40
N LEU A 221 6.05 1.30 8.50
CA LEU A 221 6.45 1.07 7.12
C LEU A 221 7.81 0.39 7.04
N GLU A 222 8.72 0.75 7.96
CA GLU A 222 10.04 0.11 7.98
C GLU A 222 9.92 -1.36 8.34
N GLU A 223 9.00 -1.71 9.24
CA GLU A 223 8.85 -3.09 9.67
C GLU A 223 8.33 -3.97 8.54
N VAL A 224 7.38 -3.47 7.76
CA VAL A 224 6.93 -4.23 6.58
C VAL A 224 8.06 -4.34 5.57
N GLY A 225 8.83 -3.27 5.36
CA GLY A 225 9.91 -3.35 4.39
C GLY A 225 11.00 -4.34 4.80
N ASN A 226 11.34 -4.38 6.08
CA ASN A 226 12.37 -5.32 6.50
C ASN A 226 11.90 -6.75 6.34
N ALA A 227 10.66 -7.01 6.74
CA ALA A 227 10.09 -8.34 6.54
C ALA A 227 10.07 -8.71 5.06
N GLY A 228 9.63 -7.77 4.21
CA GLY A 228 9.66 -8.03 2.79
C GLY A 228 11.06 -8.33 2.29
N MET A 229 12.02 -7.44 2.61
CA MET A 229 13.41 -7.66 2.24
C MET A 229 13.86 -9.06 2.61
N TYR A 230 13.58 -9.46 3.86
CA TYR A 230 13.90 -10.83 4.28
C TYR A 230 13.36 -11.85 3.28
N LEU A 231 12.08 -11.74 2.94
CA LEU A 231 11.47 -12.77 2.08
C LEU A 231 12.03 -12.72 0.67
N LEU A 232 12.45 -11.53 0.22
CA LEU A 232 13.08 -11.41 -1.08
C LEU A 232 14.53 -11.88 -1.06
N SER A 233 15.17 -11.93 0.10
CA SER A 233 16.62 -12.16 0.15
C SER A 233 16.89 -13.63 0.31
N SER A 234 18.16 -14.01 0.09
CA SER A 234 18.58 -15.39 0.27
C SER A 234 18.50 -15.83 1.72
N LEU A 235 18.26 -14.91 2.66
CA LEU A 235 18.08 -15.31 4.05
C LEU A 235 16.91 -16.27 4.20
N SER A 236 15.92 -16.16 3.32
CA SER A 236 14.69 -16.93 3.42
C SER A 236 14.63 -18.02 2.35
N SER A 237 15.80 -18.52 1.93
CA SER A 237 15.85 -19.43 0.80
C SER A 237 15.28 -20.81 1.12
N GLY A 238 14.89 -21.06 2.35
CA GLY A 238 14.08 -22.22 2.65
C GLY A 238 12.61 -21.92 2.84
N VAL A 239 12.15 -20.70 2.56
CA VAL A 239 10.78 -20.28 2.80
C VAL A 239 10.07 -20.12 1.46
N SER A 240 9.00 -20.89 1.26
CA SER A 240 8.17 -20.70 0.08
C SER A 240 6.74 -21.13 0.39
N GLY A 241 5.78 -20.53 -0.31
CA GLY A 241 4.38 -20.86 -0.08
C GLY A 241 3.82 -20.33 1.22
N GLU A 242 4.54 -19.43 1.87
CA GLU A 242 4.29 -18.99 3.23
C GLU A 242 3.48 -17.70 3.21
N VAL A 243 2.61 -17.52 4.21
CA VAL A 243 1.93 -16.26 4.43
C VAL A 243 2.49 -15.73 5.73
N HIS A 244 3.28 -14.68 5.65
CA HIS A 244 4.14 -14.25 6.75
C HIS A 244 3.52 -13.03 7.40
N PHE A 245 3.08 -13.17 8.66
CA PHE A 245 2.35 -12.07 9.27
C PHE A 245 3.32 -11.05 9.83
N VAL A 246 3.19 -9.81 9.39
CA VAL A 246 3.91 -8.68 9.96
C VAL A 246 2.88 -7.71 10.47
N ASP A 247 2.34 -7.97 11.67
CA ASP A 247 1.14 -7.27 12.11
C ASP A 247 1.16 -6.96 13.60
N ALA A 248 2.35 -6.84 14.21
CA ALA A 248 2.49 -6.66 15.66
C ALA A 248 1.88 -7.82 16.45
N GLY A 249 1.77 -9.00 15.84
CA GLY A 249 1.19 -10.15 16.48
C GLY A 249 -0.32 -10.25 16.45
N TYR A 250 -1.01 -9.37 15.71
CA TYR A 250 -2.45 -9.25 15.88
C TYR A 250 -3.20 -10.53 15.53
N HIS A 251 -2.72 -11.29 14.54
CA HIS A 251 -3.39 -12.50 14.08
C HIS A 251 -3.66 -13.52 15.20
N VAL A 252 -2.95 -13.48 16.31
CA VAL A 252 -3.14 -14.53 17.32
C VAL A 252 -4.40 -14.30 18.15
N MET A 253 -4.96 -13.08 18.13
CA MET A 253 -6.04 -12.70 19.03
C MET A 253 -7.36 -13.33 18.59
N GLY A 254 -7.95 -14.12 19.48
CA GLY A 254 -9.30 -14.56 19.24
C GLY A 254 -10.36 -13.65 19.81
N MET A 255 -9.95 -12.60 20.52
CA MET A 255 -10.86 -11.67 21.18
C MET A 255 -10.12 -10.38 21.54
N GLY A 256 -10.89 -9.38 21.96
CA GLY A 256 -10.28 -8.14 22.42
C GLY A 256 -9.29 -8.40 23.54
N ALA A 257 -8.25 -7.57 23.61
CA ALA A 257 -7.29 -7.71 24.70
C ALA A 257 -7.91 -7.30 26.04
N VAL A 258 -7.42 -7.91 27.12
CA VAL A 258 -7.91 -7.58 28.44
C VAL A 258 -6.77 -7.04 29.30
N GLU A 259 -7.15 -6.39 30.38
CA GLU A 259 -6.25 -5.96 31.44
C GLU A 259 -7.01 -5.88 32.76
N GLU A 260 -6.34 -6.33 33.82
CA GLU A 260 -6.96 -6.59 35.10
C GLU A 260 -6.65 -5.48 36.09
N LYS A 261 -7.68 -5.10 36.87
CA LYS A 261 -7.56 -4.09 37.90
C LYS A 261 -7.64 -4.71 39.30
N ASP A 262 -7.11 -5.93 39.44
CA ASP A 262 -7.20 -6.75 40.66
C ASP A 262 -8.63 -7.25 40.85
N ASN A 263 -9.60 -6.47 40.38
CA ASN A 263 -11.02 -6.77 40.56
C ASN A 263 -11.53 -7.63 39.40
N LYS A 264 -12.13 -6.98 38.42
CA LYS A 264 -12.60 -7.62 37.20
C LYS A 264 -11.47 -7.78 36.21
N ALA A 265 -11.79 -8.31 35.04
CA ALA A 265 -11.00 -8.02 33.85
C ALA A 265 -11.79 -7.01 33.03
N THR A 266 -11.06 -6.23 32.26
CA THR A 266 -11.62 -5.18 31.44
C THR A 266 -11.01 -5.31 30.06
N LEU A 267 -11.80 -5.06 29.03
CA LEU A 267 -11.23 -4.87 27.71
C LEU A 267 -10.40 -3.61 27.69
N LEU A 268 -9.16 -3.73 27.18
CA LEU A 268 -8.33 -2.56 26.91
C LEU A 268 -9.09 -1.51 26.14
N TRP A 269 -9.87 -1.94 25.16
CA TRP A 269 -10.65 -1.00 24.37
C TRP A 269 -11.51 -0.12 25.26
N ASP A 270 -12.02 -0.69 26.36
CA ASP A 270 -12.93 0.02 27.26
C ASP A 270 -12.20 0.97 28.20
N LEU A 271 -10.88 1.08 28.14
CA LEU A 271 -10.19 2.04 29.00
C LEU A 271 -10.11 3.43 28.38
N HIS A 272 -9.78 3.54 27.08
CA HIS A 272 -9.57 4.88 26.54
C HIS A 272 -10.90 5.60 26.30
N LYS A 273 -11.93 4.86 25.88
CA LYS A 273 -13.31 5.39 25.87
C LYS A 273 -14.34 4.26 26.04
N SER B 1 -11.38 33.80 8.70
CA SER B 1 -10.28 32.86 8.97
C SER B 1 -9.14 33.55 9.72
N SER B 2 -8.55 32.84 10.70
CA SER B 2 -7.35 33.31 11.38
C SER B 2 -6.16 33.31 10.43
N MET B 3 -5.47 34.44 10.35
CA MET B 3 -4.41 34.59 9.37
C MET B 3 -3.23 33.66 9.64
N ALA B 4 -2.85 33.47 10.91
CA ALA B 4 -1.80 32.50 11.17
C ALA B 4 -2.21 31.10 10.70
N LEU B 5 -3.46 30.72 10.96
CA LEU B 5 -3.91 29.40 10.53
C LEU B 5 -3.89 29.28 9.01
N PHE B 6 -4.44 30.28 8.31
CA PHE B 6 -4.49 30.22 6.87
C PHE B 6 -3.08 30.10 6.29
N GLU B 7 -2.16 30.93 6.77
CA GLU B 7 -0.83 30.89 6.19
C GLU B 7 -0.18 29.53 6.39
N ASP B 8 -0.37 28.94 7.56
CA ASP B 8 0.22 27.64 7.84
C ASP B 8 -0.40 26.55 6.97
N ILE B 9 -1.73 26.56 6.84
CA ILE B 9 -2.39 25.63 5.92
C ILE B 9 -1.93 25.91 4.50
N GLN B 10 -1.67 27.18 4.16
CA GLN B 10 -1.31 27.51 2.79
C GLN B 10 0.04 26.93 2.42
N ALA B 11 0.98 26.91 3.36
CA ALA B 11 2.30 26.33 3.10
C ALA B 11 2.19 24.84 2.81
N VAL B 12 1.36 24.13 3.58
CA VAL B 12 1.15 22.71 3.37
C VAL B 12 0.63 22.47 1.96
N ILE B 13 -0.48 23.14 1.60
CA ILE B 13 -1.07 22.98 0.27
C ILE B 13 -0.04 23.34 -0.80
N ALA B 14 0.69 24.43 -0.60
CA ALA B 14 1.72 24.81 -1.56
C ALA B 14 2.69 23.67 -1.80
N GLU B 15 3.41 23.25 -0.74
CA GLU B 15 4.40 22.18 -0.86
C GLU B 15 3.79 20.90 -1.43
N GLN B 16 2.58 20.56 -1.00
CA GLN B 16 1.96 19.31 -1.42
C GLN B 16 1.70 19.27 -2.91
N LEU B 17 1.16 20.36 -3.46
CA LEU B 17 0.82 20.40 -4.87
C LEU B 17 1.89 21.08 -5.70
N ASN B 18 3.03 21.42 -5.09
CA ASN B 18 4.14 22.09 -5.77
C ASN B 18 3.65 23.26 -6.62
N VAL B 19 2.76 24.06 -6.06
CA VAL B 19 2.32 25.32 -6.65
C VAL B 19 2.95 26.45 -5.84
N ASP B 20 2.86 27.67 -6.37
CA ASP B 20 3.30 28.82 -5.58
C ASP B 20 2.23 29.19 -4.56
N ALA B 21 2.67 29.58 -3.37
CA ALA B 21 1.74 30.04 -2.35
C ALA B 21 0.74 31.05 -2.91
N ALA B 22 1.23 31.94 -3.78
CA ALA B 22 0.40 32.98 -4.39
C ALA B 22 -0.86 32.40 -5.02
N GLN B 23 -0.75 31.24 -5.67
CA GLN B 23 -1.92 30.66 -6.30
C GLN B 23 -2.87 30.02 -5.29
N VAL B 24 -2.44 29.88 -4.04
CA VAL B 24 -3.26 29.22 -3.01
C VAL B 24 -4.06 30.33 -2.34
N THR B 25 -5.29 30.50 -2.79
CA THR B 25 -6.21 31.50 -2.27
C THR B 25 -7.46 30.78 -1.77
N PRO B 26 -8.22 31.39 -0.87
CA PRO B 26 -9.36 30.67 -0.26
C PRO B 26 -10.37 30.18 -1.29
N GLU B 27 -10.48 30.87 -2.42
CA GLU B 27 -11.48 30.49 -3.42
C GLU B 27 -11.02 29.29 -4.24
N ALA B 28 -9.69 29.12 -4.37
CA ALA B 28 -9.11 28.10 -5.25
C ALA B 28 -9.62 26.72 -4.89
N GLU B 29 -9.74 25.88 -5.91
CA GLU B 29 -10.21 24.52 -5.74
C GLU B 29 -9.15 23.56 -6.25
N PHE B 30 -8.98 22.46 -5.51
CA PHE B 30 -7.85 21.56 -5.75
C PHE B 30 -7.95 20.90 -7.11
N VAL B 31 -9.13 20.41 -7.46
CA VAL B 31 -9.32 19.75 -8.75
C VAL B 31 -9.21 20.77 -9.88
N LYS B 32 -10.07 21.79 -9.85
CA LYS B 32 -10.11 22.78 -10.93
C LYS B 32 -8.89 23.68 -10.95
N ASP B 33 -8.74 24.51 -9.92
CA ASP B 33 -7.77 25.59 -9.98
C ASP B 33 -6.36 25.17 -9.60
N LEU B 34 -6.19 24.04 -8.90
CA LEU B 34 -4.89 23.65 -8.37
C LEU B 34 -4.30 22.40 -9.04
N GLY B 35 -5.02 21.76 -9.97
CA GLY B 35 -4.46 20.66 -10.75
C GLY B 35 -4.15 19.41 -9.96
N ALA B 36 -5.11 19.01 -9.12
CA ALA B 36 -4.93 17.89 -8.21
C ALA B 36 -5.83 16.74 -8.66
N ASP B 37 -5.24 15.56 -8.78
CA ASP B 37 -6.07 14.38 -9.00
C ASP B 37 -6.63 13.85 -7.69
N SER B 38 -7.12 12.62 -7.75
CA SER B 38 -7.77 11.97 -6.60
C SER B 38 -6.72 11.56 -5.53
N LEU B 39 -5.49 11.32 -6.00
CA LEU B 39 -4.34 11.00 -5.14
C LEU B 39 -3.79 12.24 -4.43
N ASP B 40 -3.50 13.28 -5.22
CA ASP B 40 -3.04 14.54 -4.65
C ASP B 40 -3.91 14.95 -3.48
N VAL B 41 -5.23 14.92 -3.68
CA VAL B 41 -6.14 15.35 -2.64
C VAL B 41 -6.01 14.44 -1.42
N VAL B 42 -6.07 13.13 -1.63
CA VAL B 42 -6.00 12.19 -0.52
C VAL B 42 -4.68 12.32 0.22
N GLU B 43 -3.58 12.45 -0.53
CA GLU B 43 -2.29 12.71 0.11
C GLU B 43 -2.33 14.01 0.89
N LEU B 44 -2.85 15.08 0.25
CA LEU B 44 -2.96 16.37 0.93
C LEU B 44 -3.81 16.29 2.20
N ILE B 45 -4.90 15.52 2.18
CA ILE B 45 -5.76 15.45 3.36
C ILE B 45 -5.02 14.85 4.55
N MET B 46 -4.25 13.80 4.28
CA MET B 46 -3.48 13.11 5.32
C MET B 46 -2.41 14.02 5.89
N ALA B 47 -1.75 14.76 5.01
CA ALA B 47 -0.78 15.75 5.43
C ALA B 47 -1.39 16.72 6.41
N LEU B 48 -2.63 17.15 6.14
CA LEU B 48 -3.30 18.11 7.00
C LEU B 48 -3.66 17.50 8.35
N GLU B 49 -4.37 16.36 8.34
CA GLU B 49 -4.81 15.77 9.61
C GLU B 49 -3.61 15.29 10.43
N GLU B 50 -2.62 14.73 9.77
CA GLU B 50 -1.38 14.40 10.47
C GLU B 50 -0.75 15.64 11.08
N LYS B 51 -0.69 16.74 10.31
CA LYS B 51 -0.11 17.97 10.85
C LYS B 51 -0.87 18.45 12.06
N PHE B 52 -2.20 18.41 12.00
CA PHE B 52 -3.05 19.05 13.00
C PHE B 52 -3.58 18.07 14.05
N GLY B 53 -3.07 16.84 14.09
CA GLY B 53 -3.50 15.87 15.08
C GLY B 53 -4.96 15.49 15.03
N ILE B 54 -5.81 16.24 14.31
CA ILE B 54 -7.23 15.95 14.17
C ILE B 54 -7.33 14.95 13.05
N GLU B 55 -8.55 14.55 12.71
CA GLU B 55 -8.72 13.60 11.62
C GLU B 55 -9.93 14.10 10.84
N ILE B 56 -9.80 14.39 9.54
CA ILE B 56 -10.99 14.70 8.77
C ILE B 56 -11.71 13.37 8.53
N PRO B 57 -12.92 13.18 9.04
CA PRO B 57 -13.68 11.97 8.67
C PRO B 57 -13.93 11.92 7.16
N ASP B 58 -14.16 10.70 6.67
CA ASP B 58 -14.33 10.51 5.23
C ASP B 58 -15.56 11.23 4.70
N GLU B 59 -16.66 11.23 5.48
CA GLU B 59 -17.86 11.95 5.07
C GLU B 59 -17.59 13.44 4.92
N GLN B 60 -16.90 14.04 5.90
CA GLN B 60 -16.50 15.44 5.79
C GLN B 60 -15.44 15.63 4.72
N ALA B 61 -14.63 14.61 4.46
CA ALA B 61 -13.56 14.73 3.48
C ALA B 61 -14.12 14.99 2.09
N GLU B 62 -15.13 14.22 1.67
CA GLU B 62 -15.70 14.42 0.34
C GLU B 62 -16.21 15.86 0.17
N LYS B 63 -16.96 16.34 1.16
CA LYS B 63 -17.64 17.62 1.04
C LYS B 63 -16.68 18.80 0.89
N ILE B 64 -15.38 18.59 1.05
CA ILE B 64 -14.38 19.61 0.76
C ILE B 64 -14.18 19.76 -0.74
N VAL B 65 -14.08 21.02 -1.19
CA VAL B 65 -13.86 21.33 -2.61
C VAL B 65 -12.82 22.44 -2.78
N ASN B 66 -12.75 23.38 -1.84
CA ASN B 66 -11.93 24.58 -2.00
C ASN B 66 -11.02 24.81 -0.79
N VAL B 67 -9.98 25.63 -1.00
CA VAL B 67 -9.07 25.98 0.09
C VAL B 67 -9.83 26.50 1.31
N GLY B 68 -10.81 27.36 1.08
CA GLY B 68 -11.61 27.84 2.21
C GLY B 68 -12.23 26.71 3.00
N ASP B 69 -12.71 25.67 2.31
CA ASP B 69 -13.36 24.56 3.01
C ASP B 69 -12.41 23.91 4.00
N VAL B 70 -11.22 23.53 3.52
CA VAL B 70 -10.25 22.90 4.41
C VAL B 70 -9.84 23.85 5.54
N VAL B 71 -9.68 25.14 5.23
CA VAL B 71 -9.32 26.11 6.27
C VAL B 71 -10.47 26.28 7.25
N LYS B 72 -11.68 26.56 6.77
CA LYS B 72 -12.79 26.74 7.69
C LYS B 72 -13.04 25.47 8.50
N TYR B 73 -12.87 24.29 7.88
CA TYR B 73 -13.01 23.05 8.62
C TYR B 73 -11.96 22.94 9.71
N ILE B 74 -10.68 23.12 9.37
CA ILE B 74 -9.61 22.89 10.33
C ILE B 74 -9.74 23.85 11.50
N GLU B 75 -10.09 25.11 11.24
CA GLU B 75 -10.22 26.07 12.34
C GLU B 75 -11.32 25.67 13.31
N ASP B 76 -12.40 25.08 12.79
CA ASP B 76 -13.51 24.67 13.65
C ASP B 76 -13.19 23.44 14.50
N ASN B 77 -12.13 22.67 14.16
CA ASN B 77 -11.89 21.39 14.80
C ASN B 77 -10.52 21.26 15.48
N LYS B 78 -9.60 22.18 15.25
CA LYS B 78 -8.29 22.08 15.89
C LYS B 78 -8.36 22.33 17.40
PA NAD C . -0.65 2.01 -2.22
O1A NAD C . -1.73 2.87 -2.79
O2A NAD C . 0.58 2.64 -1.68
O5B NAD C . -0.22 0.95 -3.29
C5B NAD C . -1.19 0.48 -4.23
C4B NAD C . -0.48 0.37 -5.57
O4B NAD C . -1.35 -0.38 -6.45
C3B NAD C . -0.38 1.77 -6.16
O3B NAD C . 0.87 1.88 -6.79
C2B NAD C . -1.46 1.66 -7.19
O2B NAD C . -1.26 2.64 -8.22
C1B NAD C . -1.19 0.26 -7.70
N9A NAD C . -2.25 -0.12 -8.66
C8A NAD C . -3.57 -0.10 -8.49
N7A NAD C . -4.14 -0.52 -9.65
C5A NAD C . -3.16 -0.79 -10.52
C6A NAD C . -3.17 -1.24 -11.79
N6A NAD C . -4.36 -1.47 -12.37
N1A NAD C . -2.04 -1.47 -12.49
C2A NAD C . -0.82 -1.23 -11.87
N3A NAD C . -0.84 -0.76 -10.54
C4A NAD C . -2.00 -0.55 -9.91
O3 NAD C . -1.36 1.06 -1.13
PN NAD C . -0.62 -0.08 -0.28
O1N NAD C . -1.36 -0.11 1.01
O2N NAD C . 0.86 0.09 -0.28
O5D NAD C . -1.03 -1.39 -1.14
C5D NAD C . -0.05 -2.28 -1.66
C4D NAD C . -0.44 -3.76 -1.43
O4D NAD C . -0.43 -3.97 0.01
C3D NAD C . -1.88 -4.13 -1.86
O3D NAD C . -1.91 -5.52 -2.17
C2D NAD C . -2.63 -3.94 -0.59
O2D NAD C . -3.83 -4.68 -0.67
C1D NAD C . -1.66 -4.61 0.36
N1N NAD C . -1.89 -4.36 1.83
C2N NAD C . -2.10 -3.06 2.34
C3N NAD C . -2.31 -2.87 3.72
C7N NAD C . -2.54 -1.59 4.27
O7N NAD C . -2.13 -0.56 3.71
N7N NAD C . -3.19 -1.57 5.44
C4N NAD C . -2.26 -3.99 4.56
C5N NAD C . -2.04 -5.27 4.08
C6N NAD C . -1.84 -5.45 2.72
O23 PSR D . -7.29 8.21 -7.30
P24 PSR D . -8.66 8.28 -6.43
O25 PSR D . -9.71 7.52 -7.15
O27 PSR D . -8.31 7.79 -4.91
C28 PSR D . -8.39 6.44 -4.41
C29 PSR D . -7.04 5.70 -4.52
C30 PSR D . -6.13 6.41 -3.50
C31 PSR D . -6.41 5.82 -5.90
C32 PSR D . -7.12 4.19 -4.21
O33 PSR D . -5.90 3.50 -4.57
C34 PSR D . -8.29 3.44 -4.85
O35 PSR D . -8.89 3.95 -5.81
N36 PSR D . -8.59 2.25 -4.31
C37 PSR D . -7.87 1.67 -3.17
C38 PSR D . -8.89 1.05 -2.21
C39 PSR D . -8.49 -0.41 -2.20
O40 PSR D . -8.69 -1.10 -3.21
N41 PSR D . -7.90 -0.80 -1.06
C42 PSR D . -7.38 -2.16 -0.82
C43 PSR D . -5.87 -2.08 -0.55
S1 PSR D . -5.48 -1.97 1.24
C1 PSR D . -5.45 -3.66 1.88
O1 PSR D . -5.41 -4.66 1.21
C2 PSR D . -5.44 -3.90 3.39
C3 PSR D . -5.96 -2.81 4.35
C4 PSR D . -6.27 -3.26 5.77
#